data_5BY8
#
_entry.id   5BY8
#
_cell.length_a   49.160
_cell.length_b   84.140
_cell.length_c   194.300
_cell.angle_alpha   90.00
_cell.angle_beta   90.00
_cell.angle_gamma   90.00
#
_symmetry.space_group_name_H-M   'C 2 2 21'
#
loop_
_entity.id
_entity.type
_entity.pdbx_description
1 polymer Rpf2
2 polymer Rrs1
3 water water
#
loop_
_entity_poly.entity_id
_entity_poly.type
_entity_poly.pdbx_seq_one_letter_code
_entity_poly.pdbx_strand_id
1 'polypeptide(L)'
;LIEGAKRVLLLHGSKCPTPLHTVLKVFHSLTTPHSVLFHKKNENIHPFESTESLEFLANKNDCG(MSE)VIFGSSNKKRP
NCLTIARIFDSKVLD(MSE)AELLLLPDANGEGIPE(MSE)NRLS(MSE)HVAIGLRPL(MSE)LFSGSAWDDTTSTTHT
(MSE)LKS(MSE)LVDLFKGETSDKIDVEGLQYAL(MSE)VGAEEPTAGLAPIIHLRWYKIVTKRSGHKLPRVELEEIGP
KLDFKVGRIQEAPRDV(MSE)KEA(MSE)KQ
;
A
2 'polypeptide(L)'
;RLPITVSKPTPYTFDLGHLLANDPNPLELPKSEPLNASLKATARDGVQSLLNQLLTTCPITSSQQGVLLTLPAPSTILPR
HKPLP
;
B
#
# COMPACT_ATOMS: atom_id res chain seq x y z
N LEU A 1 5.25 11.87 -21.93
CA LEU A 1 4.01 12.12 -21.19
C LEU A 1 4.09 11.46 -19.82
N ILE A 2 4.11 12.32 -18.80
CA ILE A 2 4.22 11.87 -17.43
C ILE A 2 2.81 11.73 -16.89
N GLU A 3 2.44 10.52 -16.45
CA GLU A 3 1.11 10.28 -15.97
C GLU A 3 1.00 10.86 -14.55
N GLY A 4 -0.17 11.37 -14.21
CA GLY A 4 -0.38 11.83 -12.86
C GLY A 4 -0.74 10.61 -12.01
N ALA A 5 -1.50 10.84 -10.95
CA ALA A 5 -1.79 9.76 -10.02
C ALA A 5 -2.60 8.70 -10.77
N LYS A 6 -2.34 7.42 -10.47
CA LYS A 6 -3.11 6.38 -11.14
C LYS A 6 -4.50 6.29 -10.49
N ARG A 7 -5.54 6.57 -11.28
CA ARG A 7 -6.88 6.61 -10.74
C ARG A 7 -7.38 5.21 -10.34
N VAL A 8 -8.11 5.18 -9.22
CA VAL A 8 -8.50 3.92 -8.59
C VAL A 8 -10.00 3.79 -8.49
N LEU A 9 -10.52 2.71 -9.03
CA LEU A 9 -11.94 2.38 -8.88
C LEU A 9 -12.11 1.43 -7.71
N LEU A 10 -12.89 1.83 -6.73
CA LEU A 10 -13.23 0.96 -5.60
C LEU A 10 -14.64 0.43 -5.82
N LEU A 11 -14.79 -0.87 -5.84
CA LEU A 11 -16.00 -1.47 -6.37
C LEU A 11 -16.55 -2.55 -5.45
N HIS A 12 -17.86 -2.56 -5.25
CA HIS A 12 -18.48 -3.63 -4.49
C HIS A 12 -19.92 -3.76 -4.89
N GLY A 13 -20.49 -4.92 -4.56
CA GLY A 13 -21.90 -5.19 -4.74
C GLY A 13 -22.68 -5.00 -3.44
N SER A 14 -23.99 -5.27 -3.54
CA SER A 14 -24.92 -5.01 -2.44
C SER A 14 -24.73 -5.96 -1.28
N LYS A 15 -24.13 -7.12 -1.53
CA LYS A 15 -24.00 -8.08 -0.43
C LYS A 15 -22.55 -8.18 0.07
N CYS A 16 -21.73 -7.21 -0.31
CA CYS A 16 -20.36 -7.09 0.19
C CYS A 16 -20.36 -7.03 1.72
N PRO A 17 -19.58 -7.90 2.37
CA PRO A 17 -19.48 -7.86 3.84
C PRO A 17 -19.06 -6.49 4.32
N THR A 18 -19.67 -6.02 5.40
CA THR A 18 -19.38 -4.70 5.95
C THR A 18 -17.89 -4.45 6.21
N PRO A 19 -17.13 -5.43 6.76
CA PRO A 19 -15.72 -5.08 6.98
C PRO A 19 -14.97 -4.76 5.69
N LEU A 20 -15.32 -5.49 4.65
CA LEU A 20 -14.69 -5.26 3.37
C LEU A 20 -15.12 -3.91 2.82
N HIS A 21 -16.38 -3.57 3.03
CA HIS A 21 -16.87 -2.26 2.63
C HIS A 21 -16.10 -1.14 3.38
N THR A 22 -15.87 -1.34 4.68
CA THR A 22 -15.04 -0.40 5.42
C THR A 22 -13.68 -0.24 4.78
N VAL A 23 -13.04 -1.36 4.44
CA VAL A 23 -11.75 -1.29 3.78
C VAL A 23 -11.82 -0.47 2.48
N LEU A 24 -12.85 -0.70 1.69
CA LEU A 24 -12.96 0.05 0.44
C LEU A 24 -13.15 1.56 0.71
N LYS A 25 -13.94 1.90 1.71
CA LYS A 25 -14.14 3.32 2.05
C LYS A 25 -12.82 3.95 2.48
N VAL A 26 -12.04 3.23 3.28
CA VAL A 26 -10.76 3.75 3.73
C VAL A 26 -9.82 3.90 2.54
N PHE A 27 -9.81 2.90 1.64
CA PHE A 27 -8.93 2.95 0.47
C PHE A 27 -9.33 4.12 -0.44
N HIS A 28 -10.63 4.36 -0.56
CA HIS A 28 -11.18 5.46 -1.35
C HIS A 28 -10.70 6.78 -0.73
N SER A 29 -10.78 6.88 0.59
CA SER A 29 -10.31 8.07 1.28
C SER A 29 -8.79 8.30 1.06
N LEU A 30 -8.00 7.24 1.20
CA LEU A 30 -6.55 7.33 1.10
C LEU A 30 -6.10 7.77 -0.30
N THR A 31 -6.89 7.43 -1.31
CA THR A 31 -6.53 7.73 -2.69
C THR A 31 -7.28 8.93 -3.26
N THR A 32 -7.98 9.68 -2.41
CA THR A 32 -8.70 10.89 -2.82
C THR A 32 -7.67 11.95 -3.23
N PRO A 33 -7.92 12.71 -4.33
CA PRO A 33 -9.12 12.79 -5.16
C PRO A 33 -9.08 11.90 -6.41
N HIS A 34 -8.08 11.04 -6.55
CA HIS A 34 -7.95 10.27 -7.79
C HIS A 34 -8.56 8.89 -7.63
N SER A 35 -9.76 8.86 -7.08
CA SER A 35 -10.45 7.57 -6.93
C SER A 35 -11.95 7.76 -6.93
N VAL A 36 -12.64 6.67 -7.22
CA VAL A 36 -14.09 6.67 -7.27
CA VAL A 36 -14.09 6.65 -7.30
C VAL A 36 -14.59 5.43 -6.57
N LEU A 37 -15.62 5.61 -5.75
CA LEU A 37 -16.21 4.48 -5.04
C LEU A 37 -17.55 4.23 -5.67
N PHE A 38 -17.78 3.01 -6.11
CA PHE A 38 -19.00 2.71 -6.82
C PHE A 38 -19.67 1.48 -6.24
N HIS A 39 -20.93 1.65 -5.84
CA HIS A 39 -21.77 0.54 -5.38
C HIS A 39 -22.54 0.01 -6.59
N LYS A 40 -22.08 -1.11 -7.11
CA LYS A 40 -22.69 -1.76 -8.25
C LYS A 40 -23.92 -2.51 -7.76
N LYS A 41 -25.09 -2.00 -8.12
CA LYS A 41 -26.33 -2.45 -7.50
C LYS A 41 -26.96 -3.62 -8.22
N ASN A 42 -26.65 -3.79 -9.51
CA ASN A 42 -27.07 -5.01 -10.21
C ASN A 42 -26.23 -6.16 -9.67
N GLU A 43 -25.84 -7.10 -10.48
CA GLU A 43 -25.25 -8.25 -9.83
C GLU A 43 -23.75 -8.40 -9.91
N ASN A 44 -23.27 -9.49 -9.34
N ASN A 44 -23.26 -9.45 -9.25
CA ASN A 44 -21.88 -9.62 -8.96
CA ASN A 44 -21.86 -9.59 -8.90
C ASN A 44 -20.93 -10.06 -10.07
C ASN A 44 -20.97 -9.99 -10.06
N ILE A 45 -19.80 -9.35 -10.11
CA ILE A 45 -18.70 -9.59 -11.04
CA ILE A 45 -18.79 -9.70 -11.10
C ILE A 45 -17.77 -10.69 -10.50
N HIS A 46 -17.04 -11.35 -11.40
CA HIS A 46 -16.10 -12.41 -11.04
C HIS A 46 -14.92 -12.30 -11.99
N PRO A 47 -13.96 -11.43 -11.64
CA PRO A 47 -12.89 -11.12 -12.59
C PRO A 47 -12.05 -12.32 -13.08
N PHE A 48 -11.84 -13.34 -12.26
CA PHE A 48 -11.05 -14.49 -12.70
C PHE A 48 -11.80 -15.39 -13.67
N GLU A 49 -13.12 -15.23 -13.74
CA GLU A 49 -13.95 -15.87 -14.79
C GLU A 49 -13.78 -15.08 -16.07
N SER A 50 -14.02 -13.78 -15.94
CA SER A 50 -14.02 -12.88 -17.05
C SER A 50 -13.74 -11.50 -16.53
N THR A 51 -12.82 -10.81 -17.19
CA THR A 51 -12.50 -9.44 -16.77
C THR A 51 -13.28 -8.38 -17.57
N GLU A 52 -14.21 -8.80 -18.42
CA GLU A 52 -14.96 -7.87 -19.27
C GLU A 52 -15.62 -6.77 -18.50
N SER A 53 -16.34 -7.11 -17.43
CA SER A 53 -17.09 -6.06 -16.77
C SER A 53 -16.15 -5.17 -15.99
N LEU A 54 -15.11 -5.78 -15.42
CA LEU A 54 -14.13 -5.02 -14.64
C LEU A 54 -13.45 -3.99 -15.57
N GLU A 55 -13.10 -4.43 -16.79
CA GLU A 55 -12.47 -3.52 -17.75
C GLU A 55 -13.43 -2.42 -18.17
N PHE A 56 -14.68 -2.79 -18.44
CA PHE A 56 -15.67 -1.81 -18.84
C PHE A 56 -15.85 -0.71 -17.77
N LEU A 57 -15.96 -1.11 -16.50
CA LEU A 57 -16.17 -0.14 -15.43
C LEU A 57 -14.90 0.67 -15.18
N ALA A 58 -13.74 0.02 -15.26
CA ALA A 58 -12.49 0.77 -15.09
C ALA A 58 -12.35 1.84 -16.18
N ASN A 59 -12.59 1.46 -17.44
CA ASN A 59 -12.44 2.44 -18.51
C ASN A 59 -13.45 3.57 -18.44
N LYS A 60 -14.70 3.21 -18.11
CA LYS A 60 -15.76 4.20 -17.99
C LYS A 60 -15.40 5.28 -16.95
N ASN A 61 -14.73 4.85 -15.88
CA ASN A 61 -14.31 5.75 -14.81
C ASN A 61 -12.86 6.27 -14.94
N ASP A 62 -12.23 5.95 -16.06
CA ASP A 62 -10.84 6.33 -16.36
CA ASP A 62 -10.87 6.36 -16.35
C ASP A 62 -9.90 5.92 -15.24
N CYS A 63 -10.08 4.71 -14.74
CA CYS A 63 -9.26 4.21 -13.64
C CYS A 63 -8.23 3.19 -14.15
N GLY A 64 -7.00 3.31 -13.64
CA GLY A 64 -5.94 2.36 -13.92
C GLY A 64 -5.79 1.23 -12.94
N MSE A 65 -6.51 1.32 -11.83
CA MSE A 65 -6.58 0.20 -10.88
C MSE A 65 -8.02 0.02 -10.43
O MSE A 65 -8.78 0.99 -10.39
CB MSE A 65 -5.67 0.42 -9.66
CG MSE A 65 -4.25 0.82 -10.04
SE MSE A 65 -2.97 0.76 -8.55
CE MSE A 65 -3.36 -1.07 -7.90
N MET A 65 -6.53 1.32 -11.84
CA MET A 65 -6.62 0.21 -10.89
C MET A 65 -8.05 0.01 -10.46
N VAL A 66 -8.38 -1.23 -10.15
CA VAL A 66 -9.67 -1.56 -9.60
C VAL A 66 -9.44 -2.38 -8.34
N ILE A 67 -10.09 -1.98 -7.25
CA ILE A 67 -10.10 -2.79 -6.05
CA ILE A 67 -10.09 -2.76 -6.02
C ILE A 67 -11.52 -3.20 -5.80
N PHE A 68 -11.73 -4.51 -5.76
CA PHE A 68 -13.06 -5.08 -5.75
C PHE A 68 -13.22 -5.99 -4.54
N GLY A 69 -14.27 -5.76 -3.77
CA GLY A 69 -14.56 -6.56 -2.59
C GLY A 69 -15.70 -7.52 -2.89
N SER A 70 -15.52 -8.78 -2.50
CA SER A 70 -16.54 -9.81 -2.71
C SER A 70 -16.36 -10.89 -1.67
N SER A 71 -17.39 -11.72 -1.50
CA SER A 71 -17.29 -12.81 -0.55
C SER A 71 -18.26 -13.92 -0.94
N ASN A 72 -17.75 -15.15 -1.00
CA ASN A 72 -18.59 -16.35 -1.10
C ASN A 72 -17.98 -17.45 -0.23
N LYS A 73 -18.56 -18.66 -0.21
CA LYS A 73 -18.07 -19.73 0.67
C LYS A 73 -16.62 -20.10 0.43
N LYS A 74 -16.24 -20.25 -0.84
CA LYS A 74 -14.89 -20.70 -1.17
C LYS A 74 -13.86 -19.61 -0.93
N ARG A 75 -14.24 -18.38 -1.23
CA ARG A 75 -13.33 -17.23 -1.07
C ARG A 75 -14.00 -16.12 -0.29
N PRO A 76 -14.01 -16.28 1.03
CA PRO A 76 -14.68 -15.31 1.87
C PRO A 76 -13.81 -14.05 2.01
N ASN A 77 -14.46 -12.90 2.10
CA ASN A 77 -13.81 -11.64 2.44
C ASN A 77 -12.59 -11.39 1.56
N CYS A 78 -12.85 -11.41 0.28
CA CYS A 78 -11.82 -11.30 -0.72
C CYS A 78 -11.71 -9.88 -1.25
N LEU A 79 -10.47 -9.40 -1.31
CA LEU A 79 -10.19 -8.13 -1.95
C LEU A 79 -9.40 -8.47 -3.22
N THR A 80 -9.93 -8.10 -4.39
CA THR A 80 -9.25 -8.34 -5.64
C THR A 80 -8.68 -7.03 -6.15
N ILE A 81 -7.38 -7.02 -6.46
CA ILE A 81 -6.73 -5.81 -6.99
C ILE A 81 -6.36 -6.08 -8.44
N ALA A 82 -6.80 -5.22 -9.35
CA ALA A 82 -6.41 -5.35 -10.76
C ALA A 82 -5.80 -4.07 -11.27
N ARG A 83 -4.84 -4.18 -12.18
CA ARG A 83 -4.38 -3.01 -12.88
C ARG A 83 -4.85 -3.08 -14.32
N ILE A 84 -4.97 -1.89 -14.90
CA ILE A 84 -5.43 -1.74 -16.29
C ILE A 84 -4.31 -1.09 -17.09
N PHE A 85 -3.96 -1.67 -18.24
CA PHE A 85 -3.03 -1.02 -19.14
C PHE A 85 -3.66 -1.07 -20.53
N ASP A 86 -3.72 0.07 -21.21
CA ASP A 86 -4.27 0.14 -22.57
C ASP A 86 -5.66 -0.52 -22.64
N SER A 87 -6.50 -0.14 -21.67
CA SER A 87 -7.91 -0.51 -21.60
C SER A 87 -8.20 -1.98 -21.26
N LYS A 88 -7.17 -2.79 -20.99
CA LYS A 88 -7.33 -4.20 -20.64
C LYS A 88 -6.66 -4.53 -19.30
N VAL A 89 -7.11 -5.58 -18.62
CA VAL A 89 -6.40 -5.95 -17.40
C VAL A 89 -4.92 -6.25 -17.68
N LEU A 90 -4.05 -5.78 -16.80
CA LEU A 90 -2.63 -6.07 -16.85
C LEU A 90 -2.40 -7.28 -15.95
N ASP A 91 -2.28 -7.03 -14.64
CA ASP A 91 -2.17 -8.10 -13.66
C ASP A 91 -3.28 -8.02 -12.61
N MSE A 92 -3.52 -9.13 -11.91
CA MSE A 92 -4.54 -9.20 -10.87
C MSE A 92 -4.11 -10.09 -9.73
O MSE A 92 -3.43 -11.08 -9.94
CB MSE A 92 -5.84 -9.78 -11.43
CG MSE A 92 -6.62 -8.86 -12.29
SE MSE A 92 -8.45 -9.52 -12.34
CE MSE A 92 -9.30 -8.36 -11.10
N MET A 92 -3.50 -9.10 -11.88
CA MET A 92 -4.58 -9.16 -10.89
C MET A 92 -4.24 -10.13 -9.77
N ALA A 93 -4.57 -9.75 -8.53
CA ALA A 93 -4.27 -10.57 -7.38
C ALA A 93 -5.44 -10.56 -6.40
N GLU A 94 -5.71 -11.71 -5.80
CA GLU A 94 -6.70 -11.81 -4.74
C GLU A 94 -6.01 -11.77 -3.40
N LEU A 95 -6.57 -10.99 -2.49
CA LEU A 95 -6.11 -10.97 -1.09
C LEU A 95 -7.27 -11.38 -0.22
N LEU A 96 -7.12 -12.49 0.51
CA LEU A 96 -8.18 -13.03 1.38
C LEU A 96 -7.99 -12.51 2.81
N LEU A 97 -8.95 -11.70 3.26
CA LEU A 97 -8.87 -11.09 4.57
C LEU A 97 -8.99 -12.17 5.65
N LEU A 98 -8.06 -12.18 6.59
CA LEU A 98 -8.05 -13.19 7.66
C LEU A 98 -8.66 -12.61 8.94
N PRO A 99 -9.18 -13.48 9.79
CA PRO A 99 -9.71 -12.99 11.08
C PRO A 99 -8.59 -12.42 11.97
N ASP A 100 -8.90 -11.42 12.78
CA ASP A 100 -7.93 -11.00 13.81
C ASP A 100 -7.98 -12.00 14.97
N ALA A 101 -6.89 -12.12 15.72
CA ALA A 101 -6.73 -13.13 16.77
C ALA A 101 -7.79 -13.04 17.86
N ASN A 102 -8.05 -11.80 18.32
CA ASN A 102 -9.00 -11.57 19.39
C ASN A 102 -10.45 -11.71 18.92
N GLY A 103 -10.67 -11.58 17.62
CA GLY A 103 -12.00 -11.70 17.07
C GLY A 103 -12.79 -10.40 17.21
N GLU A 104 -12.07 -9.28 17.22
CA GLU A 104 -12.66 -7.96 17.36
C GLU A 104 -13.41 -7.49 16.10
N GLY A 105 -12.77 -7.64 14.95
CA GLY A 105 -13.34 -7.13 13.72
C GLY A 105 -12.92 -5.69 13.49
N ILE A 106 -13.06 -5.27 12.24
CA ILE A 106 -12.70 -3.92 11.82
CA ILE A 106 -12.70 -3.92 11.81
C ILE A 106 -13.79 -2.94 12.19
N PRO A 107 -13.44 -1.92 12.98
CA PRO A 107 -14.41 -0.89 13.36
C PRO A 107 -14.93 -0.11 12.15
N GLU A 108 -16.18 0.37 12.22
CA GLU A 108 -16.70 1.19 11.13
C GLU A 108 -15.93 2.50 11.06
N MSE A 109 -15.57 2.90 9.86
CA MSE A 109 -14.88 4.17 9.64
C MSE A 109 -14.98 4.53 8.17
O MSE A 109 -15.29 3.69 7.35
CB MSE A 109 -13.41 4.10 10.09
CG MSE A 109 -12.55 3.11 9.31
SE MSE A 109 -10.78 2.80 10.11
CE MSE A 109 -11.22 1.44 11.41
N MET A 109 -15.56 2.89 9.85
CA MET A 109 -14.93 4.18 9.63
C MET A 109 -14.99 4.54 8.15
N ASN A 110 -14.70 5.81 7.86
CA ASN A 110 -14.86 6.37 6.53
CA ASN A 110 -14.84 6.31 6.50
C ASN A 110 -13.54 6.92 6.00
N ARG A 111 -12.54 6.92 6.88
CA ARG A 111 -11.25 7.51 6.57
C ARG A 111 -10.23 6.87 7.49
N LEU A 112 -8.97 7.09 7.20
CA LEU A 112 -7.91 6.44 7.98
C LEU A 112 -7.90 6.91 9.44
N SER A 113 -7.97 8.22 9.65
CA SER A 113 -7.84 8.81 10.98
C SER A 113 -8.22 10.28 10.98
N MSE A 114 -8.94 10.74 12.00
CA MSE A 114 -9.27 12.16 12.11
C MSE A 114 -8.02 13.02 12.24
O MSE A 114 -8.06 14.23 12.05
CB MSE A 114 -10.22 12.41 13.29
CG MSE A 114 -9.63 12.06 14.63
SE MSE A 114 -10.91 12.45 16.07
CE MSE A 114 -11.06 14.38 15.79
N MET A 114 -8.93 10.74 12.01
CA MET A 114 -9.27 12.16 12.11
C MET A 114 -8.02 13.02 12.23
N HIS A 115 -6.88 12.38 12.55
CA HIS A 115 -5.63 13.13 12.70
C HIS A 115 -4.69 13.00 11.52
N VAL A 116 -5.20 12.45 10.41
CA VAL A 116 -4.45 12.40 9.16
C VAL A 116 -5.33 12.99 8.04
N ALA A 117 -4.85 14.08 7.43
CA ALA A 117 -5.60 14.80 6.42
C ALA A 117 -5.83 13.89 5.26
N ILE A 118 -6.99 14.02 4.64
CA ILE A 118 -7.36 13.21 3.48
C ILE A 118 -6.54 13.63 2.27
N GLY A 119 -5.87 12.67 1.65
CA GLY A 119 -5.11 12.94 0.44
C GLY A 119 -3.60 13.01 0.59
N LEU A 120 -3.08 13.07 1.82
CA LEU A 120 -1.63 13.06 2.04
C LEU A 120 -0.96 11.80 1.54
N ARG A 121 0.24 11.97 0.96
CA ARG A 121 1.06 10.81 0.59
C ARG A 121 1.52 10.13 1.87
N PRO A 122 1.55 8.79 1.87
CA PRO A 122 2.09 8.04 3.02
C PRO A 122 3.58 7.85 2.92
N LEU A 123 4.24 7.75 4.08
CA LEU A 123 5.50 7.04 4.13
C LEU A 123 5.16 5.57 3.95
N MSE A 124 6.02 4.85 3.24
CA MSE A 124 5.80 3.42 3.06
C MSE A 124 6.98 2.61 3.53
O MSE A 124 8.13 2.98 3.32
CB MSE A 124 5.54 3.11 1.59
CG MSE A 124 4.15 3.51 1.15
SE MSE A 124 3.74 2.92 -0.67
CE MSE A 124 3.96 4.63 -1.58
N MET A 124 5.99 4.84 3.22
CA MET A 124 5.72 3.42 3.01
C MET A 124 6.94 2.59 3.46
N LEU A 125 6.66 1.46 4.11
CA LEU A 125 7.69 0.57 4.64
C LEU A 125 7.33 -0.86 4.23
N PHE A 126 8.18 -1.50 3.44
CA PHE A 126 8.02 -2.92 3.13
C PHE A 126 9.00 -3.72 3.94
N SER A 127 8.47 -4.53 4.88
CA SER A 127 9.33 -5.27 5.80
CA SER A 127 9.33 -5.28 5.78
C SER A 127 9.19 -6.77 5.58
N GLY A 128 10.32 -7.45 5.74
CA GLY A 128 10.37 -8.90 5.60
C GLY A 128 11.26 -9.28 4.44
N SER A 129 11.85 -10.48 4.51
CA SER A 129 12.79 -10.91 3.49
C SER A 129 12.14 -11.07 2.11
N ALA A 130 10.83 -11.36 2.09
CA ALA A 130 10.26 -11.82 0.80
C ALA A 130 10.26 -10.69 -0.23
N TRP A 131 10.18 -9.44 0.23
CA TRP A 131 10.19 -8.32 -0.71
C TRP A 131 11.54 -8.18 -1.41
N ASP A 132 12.58 -8.77 -0.82
CA ASP A 132 13.93 -8.70 -1.36
C ASP A 132 14.27 -9.96 -2.17
N ASP A 133 13.27 -10.80 -2.40
CA ASP A 133 13.45 -12.04 -3.14
C ASP A 133 12.92 -11.87 -4.56
N THR A 134 13.83 -11.69 -5.51
CA THR A 134 13.41 -11.44 -6.88
C THR A 134 12.77 -12.67 -7.54
N THR A 135 12.83 -13.84 -6.88
CA THR A 135 12.20 -15.02 -7.45
C THR A 135 10.75 -15.19 -6.98
N SER A 136 10.31 -14.42 -5.99
CA SER A 136 8.93 -14.50 -5.57
C SER A 136 8.06 -13.67 -6.49
N THR A 137 7.45 -14.31 -7.47
CA THR A 137 6.61 -13.58 -8.40
C THR A 137 5.45 -12.91 -7.65
N THR A 138 4.91 -13.55 -6.61
CA THR A 138 3.80 -12.95 -5.88
C THR A 138 4.19 -11.68 -5.15
N HIS A 139 5.30 -11.68 -4.42
CA HIS A 139 5.69 -10.47 -3.68
C HIS A 139 6.14 -9.37 -4.65
N THR A 140 6.70 -9.77 -5.79
CA THR A 140 7.14 -8.79 -6.78
C THR A 140 5.91 -8.05 -7.28
N MSE A 141 4.87 -8.81 -7.62
CA MSE A 141 3.63 -8.20 -8.08
C MSE A 141 2.99 -7.35 -7.00
O MSE A 141 2.61 -6.20 -7.26
CB MSE A 141 2.63 -9.27 -8.54
CG MSE A 141 1.29 -8.67 -8.94
SE MSE A 141 -0.06 -10.03 -9.46
CE MSE A 141 1.00 -10.92 -10.82
N MET A 141 4.88 -8.82 -7.61
CA MET A 141 3.64 -8.24 -8.07
C MET A 141 2.98 -7.38 -7.01
N LEU A 142 2.88 -7.89 -5.77
CA LEU A 142 2.16 -7.16 -4.75
C LEU A 142 2.87 -5.87 -4.37
N LYS A 143 4.20 -5.88 -4.33
CA LYS A 143 4.92 -4.64 -4.00
C LYS A 143 4.64 -3.60 -5.07
N SER A 144 4.65 -4.05 -6.32
CA SER A 144 4.46 -3.15 -7.44
C SER A 144 3.05 -2.55 -7.33
N MSE A 145 2.06 -3.41 -7.13
CA MSE A 145 0.69 -2.96 -6.99
C MSE A 145 0.46 -1.98 -5.84
O MSE A 145 -0.22 -0.97 -6.02
CB MSE A 145 -0.24 -4.16 -6.82
CG MSE A 145 -0.33 -5.06 -8.04
SE MSE A 145 -1.49 -6.58 -7.60
CE MSE A 145 -1.99 -7.06 -9.41
N MET A 145 2.05 -3.39 -7.11
CA MET A 145 0.69 -2.92 -6.97
C MET A 145 0.47 -1.94 -5.83
N LEU A 146 1.03 -2.27 -4.67
CA LEU A 146 0.76 -1.46 -3.48
C LEU A 146 1.46 -0.09 -3.54
N VAL A 147 2.66 -0.04 -4.12
CA VAL A 147 3.29 1.26 -4.34
C VAL A 147 2.47 2.03 -5.38
N ASP A 148 2.06 1.35 -6.45
CA ASP A 148 1.30 1.99 -7.50
C ASP A 148 0.00 2.56 -6.94
N LEU A 149 -0.61 1.82 -6.03
CA LEU A 149 -1.87 2.20 -5.43
C LEU A 149 -1.76 3.39 -4.50
N PHE A 150 -0.77 3.35 -3.63
CA PHE A 150 -0.70 4.36 -2.58
C PHE A 150 0.34 5.49 -2.80
N LYS A 151 1.00 5.53 -3.96
CA LYS A 151 2.01 6.57 -4.15
C LYS A 151 1.40 7.95 -4.38
N GLY A 152 0.11 7.97 -4.73
CA GLY A 152 -0.61 9.20 -4.97
C GLY A 152 -0.04 9.93 -6.18
N GLU A 153 0.03 11.25 -6.05
CA GLU A 153 0.62 12.06 -7.10
C GLU A 153 2.03 12.29 -6.65
N THR A 154 2.97 11.62 -7.29
CA THR A 154 4.35 11.78 -6.87
C THR A 154 4.82 13.17 -7.28
N SER A 155 5.71 13.71 -6.47
CA SER A 155 6.25 15.04 -6.70
CA SER A 155 6.29 15.00 -6.79
C SER A 155 7.68 15.04 -6.20
N ASP A 156 8.50 15.99 -6.64
CA ASP A 156 9.86 16.07 -6.14
C ASP A 156 9.98 16.96 -4.90
N LYS A 157 8.87 17.44 -4.39
CA LYS A 157 8.87 18.25 -3.16
C LYS A 157 7.85 17.70 -2.17
N ILE A 158 8.14 17.85 -0.89
CA ILE A 158 7.14 17.54 0.12
C ILE A 158 7.35 18.43 1.34
N ASP A 159 6.25 19.01 1.81
CA ASP A 159 6.24 19.80 3.03
C ASP A 159 6.63 18.89 4.19
N VAL A 160 7.54 19.36 5.06
CA VAL A 160 7.95 18.52 6.18
C VAL A 160 6.75 18.24 7.10
N GLU A 161 5.78 19.15 7.07
CA GLU A 161 4.59 19.02 7.89
C GLU A 161 3.66 17.94 7.36
N GLY A 162 3.92 17.49 6.13
CA GLY A 162 3.15 16.44 5.48
C GLY A 162 3.61 15.04 5.85
N LEU A 163 4.70 14.94 6.60
CA LEU A 163 5.24 13.65 6.96
C LEU A 163 4.53 13.12 8.21
N GLN A 164 3.29 12.72 8.05
CA GLN A 164 2.39 12.52 9.18
C GLN A 164 2.08 11.07 9.49
N TYR A 165 2.12 10.21 8.49
CA TYR A 165 1.69 8.83 8.72
C TYR A 165 2.42 7.87 7.83
N ALA A 166 2.35 6.60 8.20
CA ALA A 166 3.05 5.53 7.44
C ALA A 166 2.16 4.33 7.23
N LEU A 167 2.38 3.66 6.09
CA LEU A 167 1.87 2.31 5.83
C LEU A 167 3.02 1.34 5.89
N MSE A 168 2.90 0.30 6.72
CA MSE A 168 3.82 -0.84 6.64
C MSE A 168 3.11 -2.00 6.02
O MSE A 168 1.98 -2.36 6.38
CB MSE A 168 4.41 -1.28 8.01
CG MSE A 168 5.41 -2.48 7.80
SE MSE A 168 6.31 -3.04 9.43
CE MSE A 168 4.83 -4.00 10.20
N MET A 168 2.85 0.28 6.67
CA MET A 168 3.79 -0.81 6.64
C MET A 168 3.10 -1.98 6.00
N VAL A 169 3.78 -2.59 5.03
CA VAL A 169 3.34 -3.84 4.48
C VAL A 169 4.34 -4.91 4.89
N GLY A 170 3.93 -5.75 5.84
CA GLY A 170 4.81 -6.76 6.37
C GLY A 170 4.55 -8.08 5.70
N ALA A 171 5.59 -8.66 5.12
CA ALA A 171 5.46 -9.99 4.52
C ALA A 171 5.89 -11.04 5.53
N GLU A 172 4.96 -11.87 5.99
CA GLU A 172 5.33 -12.92 6.91
C GLU A 172 6.36 -13.84 6.21
N GLU A 173 7.39 -14.25 6.93
CA GLU A 173 8.41 -15.11 6.33
C GLU A 173 7.76 -16.35 5.73
N PRO A 174 8.10 -16.66 4.48
CA PRO A 174 7.48 -17.78 3.76
C PRO A 174 7.62 -19.15 4.45
N THR A 175 6.58 -19.99 4.36
CA THR A 175 6.69 -21.42 4.69
C THR A 175 6.40 -22.23 3.45
N ALA A 176 7.20 -23.29 3.20
CA ALA A 176 7.16 -24.05 1.95
C ALA A 176 5.76 -24.36 1.39
N GLY A 177 4.89 -24.91 2.22
CA GLY A 177 3.58 -25.33 1.74
C GLY A 177 2.40 -24.39 1.97
N LEU A 178 2.66 -23.13 2.27
CA LEU A 178 1.57 -22.21 2.63
C LEU A 178 1.52 -20.97 1.76
N ALA A 179 0.32 -20.52 1.43
CA ALA A 179 0.17 -19.26 0.70
C ALA A 179 0.77 -18.13 1.54
N PRO A 180 1.41 -17.14 0.88
CA PRO A 180 2.01 -16.04 1.62
C PRO A 180 0.97 -15.26 2.40
N ILE A 181 1.37 -14.78 3.57
CA ILE A 181 0.53 -13.89 4.37
C ILE A 181 1.15 -12.51 4.37
N ILE A 182 0.34 -11.47 4.18
CA ILE A 182 0.86 -10.12 4.31
C ILE A 182 0.03 -9.33 5.29
N HIS A 183 0.67 -8.37 5.94
CA HIS A 183 0.01 -7.54 6.94
C HIS A 183 0.11 -6.08 6.54
N LEU A 184 -1.03 -5.39 6.47
CA LEU A 184 -1.01 -3.93 6.26
C LEU A 184 -1.37 -3.26 7.56
N ARG A 185 -0.54 -2.31 7.97
CA ARG A 185 -0.84 -1.50 9.17
C ARG A 185 -0.51 -0.06 8.89
N TRP A 186 -1.35 0.85 9.36
CA TRP A 186 -1.07 2.27 9.25
C TRP A 186 -0.75 2.82 10.64
N TYR A 187 0.10 3.84 10.65
CA TYR A 187 0.51 4.46 11.92
C TYR A 187 0.57 5.94 11.76
N LYS A 188 0.14 6.65 12.81
CA LYS A 188 0.41 8.07 12.92
C LYS A 188 1.86 8.19 13.42
N ILE A 189 2.62 9.08 12.79
CA ILE A 189 3.99 9.32 13.22
C ILE A 189 4.00 10.38 14.30
N VAL A 190 4.54 10.03 15.47
CA VAL A 190 4.76 10.96 16.57
C VAL A 190 6.24 11.23 16.70
N THR A 191 6.63 12.49 16.65
CA THR A 191 8.04 12.81 16.77
C THR A 191 8.28 13.52 18.09
N LYS A 192 9.33 13.12 18.80
CA LYS A 192 9.64 13.78 20.07
C LYS A 192 11.11 14.14 20.20
N ARG A 193 11.38 15.06 21.13
CA ARG A 193 12.75 15.48 21.37
C ARG A 193 13.55 14.28 21.86
N SER A 194 14.71 14.10 21.22
CA SER A 194 15.58 12.97 21.48
C SER A 194 16.87 13.36 22.16
N GLY A 195 17.21 14.65 22.08
CA GLY A 195 18.51 15.12 22.50
C GLY A 195 19.42 15.27 21.30
N HIS A 196 19.09 14.57 20.22
CA HIS A 196 19.85 14.67 18.96
C HIS A 196 19.15 15.63 18.00
N LYS A 197 19.81 15.97 16.89
CA LYS A 197 19.21 16.86 15.90
C LYS A 197 17.97 16.20 15.34
N LEU A 198 18.12 14.93 14.96
CA LEU A 198 17.02 14.14 14.44
C LEU A 198 16.03 13.75 15.53
N PRO A 199 14.72 13.84 15.24
CA PRO A 199 13.70 13.45 16.23
C PRO A 199 13.60 11.95 16.42
N ARG A 200 13.17 11.52 17.61
CA ARG A 200 12.85 10.14 17.90
C ARG A 200 11.44 9.84 17.39
N VAL A 201 11.27 8.73 16.68
CA VAL A 201 9.94 8.36 16.22
C VAL A 201 9.26 7.39 17.16
N GLU A 202 7.97 7.65 17.40
CA GLU A 202 7.12 6.67 18.03
C GLU A 202 5.88 6.59 17.14
N LEU A 203 5.14 5.49 17.21
CA LEU A 203 3.99 5.29 16.35
C LEU A 203 2.70 5.10 17.12
N GLU A 204 1.58 5.55 16.56
CA GLU A 204 0.25 5.20 17.06
C GLU A 204 -0.53 4.45 15.99
N GLU A 205 -1.08 3.31 16.37
CA GLU A 205 -1.87 2.49 15.43
C GLU A 205 -3.09 3.26 15.00
N ILE A 206 -3.31 3.33 13.68
CA ILE A 206 -4.50 3.97 13.16
C ILE A 206 -5.06 3.17 11.99
N GLY A 207 -6.34 3.38 11.74
CA GLY A 207 -7.03 2.77 10.60
C GLY A 207 -7.27 1.29 10.76
N PRO A 208 -7.72 0.62 9.68
CA PRO A 208 -8.07 -0.80 9.72
C PRO A 208 -6.81 -1.65 9.82
N LYS A 209 -6.89 -2.72 10.60
CA LYS A 209 -5.78 -3.64 10.72
C LYS A 209 -6.06 -4.81 9.80
N LEU A 210 -5.26 -4.94 8.74
CA LEU A 210 -5.54 -5.90 7.69
C LEU A 210 -4.53 -7.02 7.60
N ASP A 211 -4.99 -8.26 7.74
CA ASP A 211 -4.14 -9.40 7.50
C ASP A 211 -4.68 -10.16 6.31
N PHE A 212 -3.82 -10.51 5.33
CA PHE A 212 -4.31 -11.18 4.12
C PHE A 212 -3.52 -12.44 3.82
N LYS A 213 -4.22 -13.44 3.31
CA LYS A 213 -3.60 -14.59 2.70
C LYS A 213 -3.72 -14.36 1.20
N VAL A 214 -2.65 -14.57 0.44
CA VAL A 214 -2.75 -14.37 -1.01
C VAL A 214 -3.55 -15.51 -1.65
N GLY A 215 -4.47 -15.15 -2.54
CA GLY A 215 -5.30 -16.11 -3.25
C GLY A 215 -4.80 -16.30 -4.67
N ARG A 216 -5.69 -16.27 -5.65
CA ARG A 216 -5.27 -16.42 -7.04
C ARG A 216 -4.50 -15.22 -7.56
N ILE A 217 -3.58 -15.50 -8.49
CA ILE A 217 -2.74 -14.49 -9.11
C ILE A 217 -2.95 -14.64 -10.61
N GLN A 218 -3.19 -13.53 -11.30
CA GLN A 218 -3.17 -13.56 -12.74
C GLN A 218 -2.03 -12.68 -13.22
N GLU A 219 -0.98 -13.33 -13.72
N GLU A 219 -0.97 -13.32 -13.70
CA GLU A 219 0.15 -12.62 -14.28
CA GLU A 219 0.18 -12.60 -14.26
C GLU A 219 -0.26 -11.89 -15.56
C GLU A 219 -0.21 -11.92 -15.57
N ALA A 220 0.41 -10.77 -15.83
CA ALA A 220 0.34 -10.14 -17.14
C ALA A 220 1.14 -10.96 -18.14
N PRO A 221 0.69 -11.04 -19.39
CA PRO A 221 1.57 -11.65 -20.39
C PRO A 221 2.91 -10.91 -20.44
N ARG A 222 3.99 -11.64 -20.70
CA ARG A 222 5.32 -11.05 -20.72
C ARG A 222 5.40 -9.87 -21.67
N ASP A 223 4.87 -10.05 -22.89
CA ASP A 223 4.99 -8.98 -23.87
C ASP A 223 4.18 -7.77 -23.47
N VAL A 224 3.00 -7.95 -22.91
CA VAL A 224 2.18 -6.83 -22.50
C VAL A 224 2.84 -6.08 -21.34
N MSE A 225 3.37 -6.80 -20.36
CA MSE A 225 4.01 -6.11 -19.24
C MSE A 225 5.19 -5.29 -19.75
O MSE A 225 5.38 -4.16 -19.31
CB MSE A 225 4.49 -7.08 -18.14
CG MSE A 225 5.26 -6.37 -16.97
SE MSE A 225 4.16 -5.01 -16.05
CE MSE A 225 3.05 -6.16 -14.97
N MET A 225 3.38 -6.80 -20.36
CA MET A 225 4.02 -6.14 -19.23
C MET A 225 5.23 -5.34 -19.69
N LYS A 226 5.96 -5.86 -20.69
CA LYS A 226 7.12 -5.14 -21.22
C LYS A 226 6.63 -3.84 -21.85
N GLU A 227 5.50 -3.88 -22.56
CA GLU A 227 4.95 -2.66 -23.16
C GLU A 227 4.54 -1.64 -22.08
N ALA A 228 3.88 -2.12 -21.03
CA ALA A 228 3.38 -1.24 -19.98
C ALA A 228 4.50 -0.63 -19.16
N MSE A 229 5.66 -1.27 -19.18
CA MSE A 229 6.79 -0.79 -18.39
C MSE A 229 7.67 0.20 -19.15
O MSE A 229 8.62 0.73 -18.59
CB MSE A 229 7.62 -1.97 -17.90
CG MSE A 229 6.86 -2.84 -16.89
SE MSE A 229 6.77 -1.95 -15.12
CE MSE A 229 8.61 -2.22 -14.58
N MET A 229 5.66 -1.28 -19.18
CA MET A 229 6.81 -0.82 -18.40
C MET A 229 7.66 0.21 -19.15
N LYS A 230 7.35 0.46 -20.41
CA LYS A 230 8.08 1.49 -21.16
C LYS A 230 7.82 2.86 -20.55
N GLN A 231 8.89 3.57 -20.21
CA GLN A 231 8.79 4.87 -19.56
C GLN A 231 9.18 5.97 -20.53
N ARG B 1 18.73 11.93 24.76
CA ARG B 1 18.81 10.69 25.53
C ARG B 1 17.88 9.61 24.94
N LEU B 2 17.27 9.89 23.80
CA LEU B 2 16.45 8.90 23.09
C LEU B 2 17.13 8.51 21.80
N PRO B 3 17.49 7.23 21.63
CA PRO B 3 18.26 6.80 20.47
C PRO B 3 17.46 6.92 19.18
N ILE B 4 18.07 7.53 18.17
CA ILE B 4 17.36 7.76 16.91
C ILE B 4 17.97 6.94 15.80
N THR B 5 19.12 6.35 16.07
CA THR B 5 19.79 5.43 15.16
CA THR B 5 19.73 5.44 15.10
C THR B 5 19.06 4.09 15.21
N VAL B 6 19.09 3.35 14.11
CA VAL B 6 18.50 2.03 14.07
C VAL B 6 19.53 1.05 13.55
N SER B 7 19.81 0.04 14.37
CA SER B 7 20.77 -0.99 14.02
C SER B 7 20.03 -2.28 13.72
N LYS B 8 20.18 -2.81 12.52
CA LYS B 8 19.65 -4.14 12.20
C LYS B 8 20.74 -4.94 11.50
N PRO B 9 20.61 -6.27 11.50
CA PRO B 9 21.72 -7.04 10.95
C PRO B 9 21.96 -6.77 9.44
N THR B 10 20.89 -6.46 8.72
CA THR B 10 20.98 -6.11 7.29
C THR B 10 20.47 -4.68 7.08
N PRO B 11 21.15 -3.89 6.20
CA PRO B 11 20.74 -2.50 6.02
C PRO B 11 19.39 -2.32 5.34
N TYR B 12 18.66 -1.30 5.74
CA TYR B 12 17.51 -0.80 4.99
C TYR B 12 17.95 -0.34 3.62
N THR B 13 17.05 -0.40 2.64
CA THR B 13 17.28 0.37 1.43
C THR B 13 16.10 1.33 1.25
N PHE B 14 16.20 2.24 0.29
CA PHE B 14 15.24 3.33 0.19
C PHE B 14 14.88 3.66 -1.23
N ASP B 15 13.66 4.16 -1.39
CA ASP B 15 13.22 4.79 -2.62
C ASP B 15 12.52 6.09 -2.17
N LEU B 16 13.33 7.13 -1.88
CA LEU B 16 12.75 8.31 -1.23
C LEU B 16 11.81 9.11 -2.13
N GLY B 17 11.97 8.99 -3.45
CA GLY B 17 10.99 9.58 -4.36
C GLY B 17 9.57 9.06 -4.16
N HIS B 18 9.45 7.86 -3.60
CA HIS B 18 8.14 7.27 -3.23
C HIS B 18 7.95 7.27 -1.68
N LEU B 19 8.78 8.07 -1.00
CA LEU B 19 8.75 8.12 0.47
C LEU B 19 8.78 6.73 1.06
N LEU B 20 9.70 5.91 0.54
CA LEU B 20 9.64 4.47 0.79
C LEU B 20 10.93 3.88 1.35
N ALA B 21 10.79 2.98 2.32
CA ALA B 21 11.92 2.20 2.81
C ALA B 21 11.61 0.73 2.73
N ASN B 22 12.66 -0.07 2.57
CA ASN B 22 12.58 -1.51 2.56
C ASN B 22 13.36 -2.01 3.73
N ASP B 23 12.72 -2.82 4.56
CA ASP B 23 13.39 -3.56 5.61
C ASP B 23 13.50 -5.04 5.22
N PRO B 24 14.65 -5.46 4.69
CA PRO B 24 14.79 -6.83 4.16
C PRO B 24 15.08 -7.84 5.27
N ASN B 25 15.21 -7.36 6.52
CA ASN B 25 15.39 -8.27 7.62
C ASN B 25 14.11 -9.12 7.79
N PRO B 26 14.27 -10.40 8.19
CA PRO B 26 13.09 -11.24 8.39
C PRO B 26 12.09 -10.57 9.31
N LEU B 27 10.82 -10.66 8.93
CA LEU B 27 9.79 -10.08 9.77
C LEU B 27 9.68 -10.89 11.06
N GLU B 28 10.04 -10.27 12.17
CA GLU B 28 10.07 -11.02 13.44
C GLU B 28 8.69 -10.95 14.11
N LEU B 29 8.03 -12.10 14.23
CA LEU B 29 6.70 -12.20 14.83
C LEU B 29 6.74 -13.28 15.91
N PRO B 30 7.41 -12.99 17.03
CA PRO B 30 7.50 -14.06 18.03
C PRO B 30 6.11 -14.49 18.52
N LYS B 31 5.89 -15.80 18.65
CA LYS B 31 4.55 -16.31 18.97
C LYS B 31 4.04 -15.78 20.30
N SER B 32 4.95 -15.50 21.23
CA SER B 32 4.56 -15.06 22.59
C SER B 32 4.06 -13.60 22.67
N GLU B 33 4.18 -12.85 21.57
CA GLU B 33 3.76 -11.43 21.50
CA GLU B 33 3.74 -11.46 21.54
C GLU B 33 2.54 -11.27 20.61
N PRO B 34 1.65 -10.32 20.95
CA PRO B 34 0.54 -10.03 20.06
C PRO B 34 1.06 -9.58 18.71
N LEU B 35 0.42 -10.07 17.64
CA LEU B 35 0.78 -9.67 16.30
C LEU B 35 0.94 -8.16 16.15
N ASN B 36 -0.04 -7.39 16.63
CA ASN B 36 0.06 -5.95 16.40
C ASN B 36 1.26 -5.30 17.10
N ALA B 37 1.60 -5.77 18.27
CA ALA B 37 2.77 -5.26 18.95
C ALA B 37 4.06 -5.55 18.19
N SER B 38 4.16 -6.76 17.65
CA SER B 38 5.33 -7.20 16.89
C SER B 38 5.44 -6.34 15.64
N LEU B 39 4.32 -6.19 14.95
CA LEU B 39 4.34 -5.40 13.73
C LEU B 39 4.73 -3.94 14.00
N LYS B 40 4.18 -3.39 15.09
CA LYS B 40 4.41 -1.99 15.43
C LYS B 40 5.89 -1.73 15.75
N ALA B 41 6.55 -2.68 16.43
CA ALA B 41 7.95 -2.53 16.77
C ALA B 41 8.82 -2.48 15.52
N THR B 42 8.55 -3.36 14.54
CA THR B 42 9.27 -3.30 13.29
C THR B 42 8.97 -2.02 12.52
N ALA B 43 7.70 -1.60 12.53
CA ALA B 43 7.31 -0.35 11.83
C ALA B 43 8.06 0.82 12.41
N ARG B 44 8.16 0.86 13.73
CA ARG B 44 8.79 2.01 14.37
C ARG B 44 10.26 2.15 14.01
N ASP B 45 10.98 1.01 13.97
CA ASP B 45 12.37 1.00 13.55
C ASP B 45 12.48 1.49 12.08
N GLY B 46 11.57 1.02 11.27
CA GLY B 46 11.61 1.33 9.85
C GLY B 46 11.23 2.78 9.56
N VAL B 47 10.22 3.27 10.24
CA VAL B 47 9.83 4.66 10.03
C VAL B 47 10.91 5.60 10.59
N GLN B 48 11.50 5.22 11.73
CA GLN B 48 12.65 5.98 12.24
C GLN B 48 13.74 6.09 11.18
N SER B 49 14.11 4.94 10.62
CA SER B 49 15.15 4.88 9.60
CA SER B 49 15.16 4.89 9.61
C SER B 49 14.81 5.73 8.37
N LEU B 50 13.57 5.62 7.93
CA LEU B 50 13.08 6.35 6.74
C LEU B 50 13.10 7.87 6.98
N LEU B 51 12.61 8.28 8.15
CA LEU B 51 12.58 9.70 8.47
C LEU B 51 14.01 10.23 8.61
N ASN B 52 14.87 9.44 9.27
CA ASN B 52 16.28 9.80 9.38
C ASN B 52 16.83 10.04 7.99
N GLN B 53 16.52 9.12 7.07
CA GLN B 53 17.09 9.18 5.72
C GLN B 53 16.56 10.41 4.98
N LEU B 54 15.26 10.64 5.11
CA LEU B 54 14.66 11.81 4.46
C LEU B 54 15.31 13.11 4.97
N LEU B 55 15.47 13.22 6.29
CA LEU B 55 15.90 14.48 6.86
C LEU B 55 17.40 14.72 6.67
N THR B 56 18.15 13.64 6.52
CA THR B 56 19.59 13.81 6.42
C THR B 56 20.10 13.87 4.98
N THR B 57 19.37 13.30 4.02
CA THR B 57 19.92 13.21 2.66
C THR B 57 19.18 14.04 1.63
N CYS B 58 18.02 14.57 1.99
CA CYS B 58 17.27 15.43 1.05
C CYS B 58 17.51 16.88 1.39
N PRO B 59 17.78 17.70 0.37
CA PRO B 59 17.90 19.15 0.60
C PRO B 59 16.64 19.67 1.27
N ILE B 60 16.81 20.57 2.22
CA ILE B 60 15.69 21.19 2.92
C ILE B 60 15.62 22.68 2.55
N THR B 61 14.48 23.12 2.05
CA THR B 61 14.30 24.50 1.63
C THR B 61 13.32 25.21 2.53
N SER B 62 13.76 26.30 3.16
CA SER B 62 12.85 27.10 3.95
C SER B 62 12.58 28.40 3.26
N SER B 63 11.32 28.80 3.28
CA SER B 63 10.92 30.05 2.68
C SER B 63 9.82 30.64 3.54
N GLN B 64 9.28 31.76 3.12
CA GLN B 64 8.12 32.32 3.82
C GLN B 64 6.86 31.48 3.60
N GLN B 65 6.94 30.45 2.75
CA GLN B 65 5.79 29.62 2.48
C GLN B 65 5.90 28.24 3.14
N GLY B 66 6.94 28.05 3.95
CA GLY B 66 7.11 26.82 4.69
C GLY B 66 8.44 26.11 4.47
N VAL B 67 8.47 24.84 4.84
CA VAL B 67 9.71 24.09 4.82
C VAL B 67 9.49 22.83 4.04
N LEU B 68 10.25 22.61 2.99
CA LEU B 68 10.03 21.42 2.17
C LEU B 68 11.31 20.63 1.94
N LEU B 69 11.14 19.33 1.68
CA LEU B 69 12.25 18.48 1.27
C LEU B 69 12.20 18.34 -0.23
N THR B 70 13.37 18.29 -0.86
CA THR B 70 13.47 17.89 -2.28
C THR B 70 13.76 16.41 -2.36
N LEU B 71 12.88 15.65 -3.02
CA LEU B 71 13.00 14.21 -3.13
C LEU B 71 13.71 13.81 -4.40
N PRO B 72 14.53 12.75 -4.34
CA PRO B 72 15.14 12.26 -5.59
C PRO B 72 14.10 11.62 -6.46
N ALA B 73 14.41 11.41 -7.74
CA ALA B 73 13.47 10.71 -8.60
C ALA B 73 13.14 9.33 -8.04
N PRO B 74 11.88 8.91 -8.15
CA PRO B 74 11.53 7.55 -7.74
C PRO B 74 12.36 6.52 -8.51
N SER B 75 12.84 5.49 -7.82
CA SER B 75 13.67 4.48 -8.45
C SER B 75 12.84 3.24 -8.80
N THR B 76 11.78 2.97 -8.07
CA THR B 76 10.88 1.87 -8.43
C THR B 76 10.12 2.17 -9.71
N ILE B 77 10.27 1.32 -10.73
CA ILE B 77 9.58 1.53 -12.00
C ILE B 77 8.24 0.79 -11.98
N LEU B 78 7.18 1.50 -12.34
CA LEU B 78 5.81 1.01 -12.28
C LEU B 78 5.19 1.06 -13.66
N PRO B 79 4.24 0.16 -13.92
CA PRO B 79 3.67 0.14 -15.27
C PRO B 79 2.76 1.34 -15.51
N ARG B 80 2.66 1.78 -16.76
CA ARG B 80 1.74 2.83 -17.15
C ARG B 80 0.29 2.37 -17.13
N HIS B 81 -0.62 3.35 -17.12
CA HIS B 81 -2.03 3.15 -17.36
C HIS B 81 -2.31 3.14 -18.86
N LYS B 82 -1.76 4.12 -19.54
CA LYS B 82 -2.00 4.27 -21.00
C LYS B 82 -0.69 4.17 -21.75
N PRO B 83 -0.74 3.78 -23.04
CA PRO B 83 0.50 3.73 -23.81
C PRO B 83 1.17 5.09 -23.93
N LEU B 84 2.48 5.12 -24.14
CA LEU B 84 3.16 6.36 -24.56
C LEU B 84 2.58 6.89 -25.87
N PRO B 85 2.57 8.23 -26.03
CA PRO B 85 2.05 8.87 -27.25
C PRO B 85 2.85 8.55 -28.52
#